data_7HT7
#
_entry.id   7HT7
#
_cell.length_a   99.099
_cell.length_b   99.121
_cell.length_c   128.247
_cell.angle_alpha   90.00
_cell.angle_beta   90.00
_cell.angle_gamma   90.00
#
_symmetry.space_group_name_H-M   'I 2 2 2'
#
loop_
_entity.id
_entity.type
_entity.pdbx_description
1 polymer 'Oleoyl-acyl carrier protein thioesterase 1, chloroplastic'
2 non-polymer ~{N}-(4-methyl-2-oxidanyl-phenyl)propanamide
3 non-polymer 'SULFATE ION'
4 water water
#
_entity_poly.entity_id   1
_entity_poly.type   'polypeptide(L)'
_entity_poly.pdbx_seq_one_letter_code
;MGSLTEDGLSYKEKFVVRSYEVGSNKTATVETIANLLQEVGCNHAQSVGFSTDGFATTTTMRKLHLIWVTARMHIEIYKY
PAWGDVVEIETWCQSEGRIGTRRDWILKDSVTGEVTGRATSKWVMMNQDTRRLQKVSDDVRDEYLVFCPQEPRLAFPEEN
NRSLKKIPKLEDPAQYSMIGLKPRRADLDMNQHVNNVTYIGWVLESIPQEIVDTHELQVITLDYRRECQQDDVVDSLTTT
TSEIGGTNGSATSGTQGHNDSQFLHLLRLSGDGQEINRGTTLWRKKPSSHHHHHH
;
_entity_poly.pdbx_strand_id   A,B
#
loop_
_chem_comp.id
_chem_comp.type
_chem_comp.name
_chem_comp.formula
GVV non-polymer ~{N}-(4-methyl-2-oxidanyl-phenyl)propanamide 'C10 H13 N O2'
SO4 non-polymer 'SULFATE ION' 'O4 S -2'
#
# COMPACT_ATOMS: atom_id res chain seq x y z
N GLY A 2 11.74 13.02 10.00
CA GLY A 2 11.47 14.22 9.24
C GLY A 2 11.55 15.48 10.09
N SER A 3 11.75 16.64 9.44
CA SER A 3 11.81 17.88 10.19
C SER A 3 11.54 19.10 9.34
N LEU A 4 11.01 20.17 9.97
CA LEU A 4 10.87 21.48 9.32
C LEU A 4 12.31 21.99 9.06
N THR A 5 12.51 22.72 7.95
CA THR A 5 13.80 23.29 7.64
C THR A 5 14.13 24.45 8.61
N GLU A 6 15.32 25.05 8.51
CA GLU A 6 15.72 26.13 9.41
C GLU A 6 14.72 27.29 9.54
N ASP A 7 14.17 27.78 8.42
CA ASP A 7 13.23 28.90 8.47
C ASP A 7 11.79 28.51 8.92
N GLY A 8 11.52 27.20 9.07
CA GLY A 8 10.20 26.70 9.46
C GLY A 8 9.15 26.84 8.37
N LEU A 9 9.57 27.16 7.12
CA LEU A 9 8.64 27.38 6.02
C LEU A 9 8.51 26.20 5.04
N SER A 10 9.20 25.08 5.29
CA SER A 10 9.11 23.85 4.50
C SER A 10 9.50 22.63 5.35
N TYR A 11 9.26 21.42 4.85
CA TYR A 11 9.50 20.20 5.61
C TYR A 11 10.23 19.16 4.78
N LYS A 12 11.22 18.46 5.37
CA LYS A 12 12.00 17.45 4.68
C LYS A 12 11.88 16.10 5.35
N GLU A 13 11.88 15.02 4.57
CA GLU A 13 11.82 13.68 5.10
C GLU A 13 12.52 12.70 4.16
N LYS A 14 13.20 11.70 4.73
CA LYS A 14 13.87 10.67 3.95
C LYS A 14 13.09 9.36 4.04
N PHE A 15 13.04 8.62 2.94
CA PHE A 15 12.35 7.35 2.90
C PHE A 15 13.26 6.31 2.25
N VAL A 16 13.29 5.09 2.81
CA VAL A 16 14.03 3.99 2.19
C VAL A 16 12.97 3.22 1.40
N VAL A 17 13.15 3.05 0.09
CA VAL A 17 12.18 2.33 -0.75
C VAL A 17 12.08 0.81 -0.38
N ARG A 18 10.85 0.33 -0.09
CA ARG A 18 10.58 -1.04 0.37
C ARG A 18 10.36 -2.06 -0.74
N SER A 19 10.65 -3.33 -0.45
CA SER A 19 10.48 -4.44 -1.41
C SER A 19 9.09 -4.52 -2.04
N TYR A 20 8.02 -4.35 -1.24
CA TYR A 20 6.66 -4.37 -1.78
C TYR A 20 6.24 -3.07 -2.50
N GLU A 21 7.05 -2.03 -2.38
CA GLU A 21 6.76 -0.74 -3.01
C GLU A 21 7.23 -0.63 -4.47
N VAL A 22 7.95 -1.65 -4.98
CA VAL A 22 8.51 -1.57 -6.33
C VAL A 22 7.76 -2.42 -7.38
N GLY A 23 7.83 -1.97 -8.64
CA GLY A 23 7.27 -2.66 -9.79
C GLY A 23 8.26 -3.62 -10.45
N SER A 24 7.99 -3.97 -11.72
N SER A 24 7.99 -3.99 -11.72
N SER A 24 7.99 -3.97 -11.72
CA SER A 24 8.79 -4.91 -12.52
CA SER A 24 8.79 -4.93 -12.50
CA SER A 24 8.79 -4.91 -12.52
C SER A 24 10.26 -4.50 -12.70
C SER A 24 10.25 -4.50 -12.73
C SER A 24 10.26 -4.50 -12.70
N ASN A 25 10.53 -3.20 -12.78
CA ASN A 25 11.90 -2.71 -12.95
C ASN A 25 12.70 -2.55 -11.66
N LYS A 26 12.17 -3.08 -10.53
CA LYS A 26 12.77 -2.95 -9.19
C LYS A 26 12.90 -1.49 -8.75
N THR A 27 12.03 -0.60 -9.28
CA THR A 27 11.97 0.79 -8.88
C THR A 27 10.55 1.13 -8.39
N ALA A 28 10.44 2.16 -7.53
CA ALA A 28 9.18 2.57 -6.92
C ALA A 28 8.11 2.89 -7.94
N THR A 29 6.88 2.39 -7.73
CA THR A 29 5.77 2.70 -8.63
C THR A 29 5.35 4.16 -8.44
N VAL A 30 4.57 4.71 -9.39
CA VAL A 30 4.06 6.09 -9.22
C VAL A 30 3.08 6.19 -8.04
N GLU A 31 2.43 5.08 -7.68
CA GLU A 31 1.54 5.02 -6.53
C GLU A 31 2.33 5.03 -5.24
N THR A 32 3.53 4.40 -5.21
CA THR A 32 4.38 4.48 -4.03
C THR A 32 4.84 5.94 -3.88
N ILE A 33 5.25 6.59 -4.98
CA ILE A 33 5.67 7.97 -4.93
C ILE A 33 4.55 8.87 -4.38
N ALA A 34 3.31 8.73 -4.92
CA ALA A 34 2.14 9.51 -4.48
C ALA A 34 1.82 9.29 -3.01
N ASN A 35 2.02 8.06 -2.48
CA ASN A 35 1.80 7.75 -1.05
C ASN A 35 2.85 8.47 -0.20
N LEU A 36 4.10 8.54 -0.67
CA LEU A 36 5.19 9.25 0.01
C LEU A 36 4.96 10.77 0.00
N LEU A 37 4.43 11.32 -1.11
CA LEU A 37 4.09 12.75 -1.16
C LEU A 37 3.02 13.07 -0.09
N GLN A 38 2.02 12.20 0.05
CA GLN A 38 0.93 12.32 1.02
C GLN A 38 1.46 12.21 2.45
N GLU A 39 2.33 11.22 2.72
CA GLU A 39 2.93 11.05 4.04
C GLU A 39 3.78 12.28 4.46
N VAL A 40 4.61 12.82 3.54
CA VAL A 40 5.43 13.98 3.88
C VAL A 40 4.51 15.23 4.07
N GLY A 41 3.40 15.31 3.33
CA GLY A 41 2.42 16.38 3.50
C GLY A 41 1.75 16.31 4.86
N CYS A 42 1.34 15.09 5.29
CA CYS A 42 0.73 14.91 6.59
C CYS A 42 1.69 15.20 7.72
N ASN A 43 2.96 14.84 7.57
CA ASN A 43 3.95 15.11 8.63
C ASN A 43 4.25 16.61 8.75
N HIS A 44 4.24 17.34 7.64
CA HIS A 44 4.42 18.78 7.64
C HIS A 44 3.27 19.46 8.43
N ALA A 45 1.99 19.12 8.12
CA ALA A 45 0.81 19.66 8.81
C ALA A 45 0.87 19.38 10.32
N GLN A 46 1.27 18.17 10.70
CA GLN A 46 1.41 17.79 12.10
C GLN A 46 2.50 18.62 12.80
N SER A 47 3.63 18.83 12.13
N SER A 47 3.64 18.83 12.14
N SER A 47 3.63 18.83 12.13
CA SER A 47 4.76 19.57 12.67
CA SER A 47 4.75 19.57 12.72
CA SER A 47 4.76 19.57 12.67
C SER A 47 4.46 21.05 12.93
C SER A 47 4.42 21.04 12.98
C SER A 47 4.46 21.05 12.93
N VAL A 48 3.45 21.61 12.26
CA VAL A 48 3.10 23.02 12.44
C VAL A 48 1.79 23.23 13.23
N GLY A 49 1.32 22.20 13.93
CA GLY A 49 0.15 22.34 14.79
C GLY A 49 -1.19 21.82 14.31
N PHE A 50 -1.28 21.23 13.11
CA PHE A 50 -2.55 20.68 12.63
C PHE A 50 -2.78 19.24 13.11
N ALA A 56 -5.75 18.91 7.06
CA ALA A 56 -4.96 20.08 7.45
C ALA A 56 -5.90 21.21 7.88
N THR A 57 -6.85 20.89 8.78
CA THR A 57 -7.82 21.88 9.21
C THR A 57 -7.31 22.82 10.28
N THR A 58 -7.49 24.12 10.06
CA THR A 58 -7.14 25.17 11.03
C THR A 58 -8.26 25.24 12.12
N THR A 59 -8.13 26.12 13.11
CA THR A 59 -9.11 26.26 14.18
C THR A 59 -10.44 26.74 13.62
N THR A 60 -10.38 27.72 12.69
CA THR A 60 -11.57 28.28 12.08
C THR A 60 -12.29 27.26 11.19
N MET A 61 -11.53 26.43 10.45
N MET A 61 -11.53 26.44 10.45
N MET A 61 -11.53 26.43 10.45
CA MET A 61 -12.10 25.41 9.57
CA MET A 61 -12.09 25.42 9.57
CA MET A 61 -12.10 25.41 9.57
C MET A 61 -12.92 24.38 10.33
C MET A 61 -12.92 24.38 10.33
C MET A 61 -12.92 24.38 10.33
N ARG A 62 -12.46 23.96 11.51
CA ARG A 62 -13.18 22.98 12.32
C ARG A 62 -14.50 23.54 12.89
N LYS A 63 -14.50 24.85 13.20
CA LYS A 63 -15.67 25.56 13.69
C LYS A 63 -16.76 25.60 12.60
N LEU A 64 -16.36 25.73 11.31
CA LEU A 64 -17.36 25.82 10.25
C LEU A 64 -17.56 24.53 9.45
N HIS A 65 -16.99 23.40 9.90
CA HIS A 65 -17.09 22.12 9.19
C HIS A 65 -16.51 22.19 7.77
N LEU A 66 -15.37 22.87 7.61
CA LEU A 66 -14.69 23.03 6.32
C LEU A 66 -13.46 22.14 6.23
N ILE A 67 -13.21 21.61 5.03
CA ILE A 67 -12.06 20.74 4.71
C ILE A 67 -11.36 21.16 3.41
N TRP A 68 -10.09 20.74 3.27
CA TRP A 68 -9.30 20.95 2.06
C TRP A 68 -9.47 19.72 1.22
N VAL A 69 -9.83 19.88 -0.05
CA VAL A 69 -10.00 18.76 -0.96
C VAL A 69 -9.11 18.95 -2.20
N THR A 70 -8.54 17.87 -2.75
CA THR A 70 -7.68 18.00 -3.94
C THR A 70 -8.53 18.28 -5.18
N ALA A 71 -8.13 19.28 -5.96
CA ALA A 71 -8.76 19.60 -7.23
C ALA A 71 -7.87 19.06 -8.37
N ARG A 72 -6.54 19.18 -8.23
CA ARG A 72 -5.60 18.74 -9.24
C ARG A 72 -4.31 18.24 -8.59
N MET A 73 -3.72 17.18 -9.17
CA MET A 73 -2.43 16.60 -8.79
C MET A 73 -1.58 16.54 -10.08
N HIS A 74 -0.33 17.00 -10.04
CA HIS A 74 0.57 16.96 -11.18
C HIS A 74 1.92 16.41 -10.70
N ILE A 75 2.36 15.27 -11.25
CA ILE A 75 3.62 14.67 -10.85
C ILE A 75 4.52 14.43 -12.06
N GLU A 76 5.80 14.79 -11.94
CA GLU A 76 6.81 14.58 -12.96
C GLU A 76 8.02 13.85 -12.37
N ILE A 77 8.30 12.62 -12.85
CA ILE A 77 9.41 11.80 -12.37
C ILE A 77 10.48 11.63 -13.46
N TYR A 78 11.75 11.99 -13.16
CA TYR A 78 12.90 11.86 -14.07
C TYR A 78 13.58 10.49 -13.84
N LYS A 79 13.67 10.08 -12.56
CA LYS A 79 14.25 8.79 -12.18
C LYS A 79 13.45 8.24 -11.00
N TYR A 80 13.01 6.98 -11.12
CA TYR A 80 12.29 6.31 -10.04
C TYR A 80 13.34 5.68 -9.11
N PRO A 81 13.23 5.90 -7.78
CA PRO A 81 14.24 5.32 -6.87
C PRO A 81 14.16 3.80 -6.85
N ALA A 82 15.31 3.13 -6.80
CA ALA A 82 15.33 1.67 -6.74
C ALA A 82 15.07 1.18 -5.30
N TRP A 83 14.66 -0.07 -5.17
CA TRP A 83 14.45 -0.79 -3.92
C TRP A 83 15.73 -0.70 -3.04
N GLY A 84 15.60 -0.13 -1.86
CA GLY A 84 16.74 0.06 -0.96
C GLY A 84 17.33 1.45 -1.02
N ASP A 85 17.00 2.23 -2.06
CA ASP A 85 17.51 3.60 -2.18
C ASP A 85 16.81 4.55 -1.22
N VAL A 86 17.50 5.62 -0.84
CA VAL A 86 16.94 6.65 0.03
C VAL A 86 16.53 7.82 -0.84
N VAL A 87 15.27 8.24 -0.73
CA VAL A 87 14.77 9.40 -1.44
C VAL A 87 14.44 10.50 -0.42
N GLU A 88 14.88 11.74 -0.68
CA GLU A 88 14.56 12.84 0.22
C GLU A 88 13.49 13.72 -0.42
N ILE A 89 12.43 14.05 0.32
CA ILE A 89 11.35 14.86 -0.21
C ILE A 89 11.17 16.14 0.60
N GLU A 90 11.19 17.28 -0.10
CA GLU A 90 10.92 18.56 0.55
C GLU A 90 9.53 19.07 0.10
N THR A 91 8.70 19.51 1.03
CA THR A 91 7.35 19.99 0.75
C THR A 91 7.05 21.34 1.42
N TRP A 92 6.23 22.15 0.77
CA TRP A 92 5.80 23.42 1.29
C TRP A 92 4.42 23.78 0.72
N CYS A 93 3.73 24.73 1.35
N CYS A 93 3.75 24.75 1.34
N CYS A 93 3.73 24.73 1.35
CA CYS A 93 2.42 25.16 0.87
CA CYS A 93 2.43 25.23 0.93
CA CYS A 93 2.42 25.16 0.87
C CYS A 93 2.38 26.67 0.67
C CYS A 93 2.45 26.70 0.60
C CYS A 93 2.38 26.67 0.67
N GLN A 94 1.47 27.15 -0.20
CA GLN A 94 1.32 28.57 -0.52
C GLN A 94 -0.15 28.88 -0.76
N SER A 95 -0.63 30.07 -0.31
CA SER A 95 -2.01 30.46 -0.60
C SER A 95 -2.07 30.95 -2.05
N GLU A 96 -3.20 30.71 -2.72
CA GLU A 96 -3.42 31.21 -4.08
C GLU A 96 -4.62 32.15 -4.06
N GLY A 97 -4.55 33.15 -3.18
CA GLY A 97 -5.63 34.11 -3.02
C GLY A 97 -6.84 33.46 -2.39
N ARG A 98 -8.02 33.69 -2.96
CA ARG A 98 -9.25 33.08 -2.44
C ARG A 98 -9.63 31.79 -3.18
N ILE A 99 -8.89 31.42 -4.24
CA ILE A 99 -9.15 30.21 -5.01
C ILE A 99 -8.93 28.98 -4.11
N GLY A 100 -7.80 28.96 -3.41
CA GLY A 100 -7.44 27.85 -2.55
C GLY A 100 -5.97 27.86 -2.19
N THR A 101 -5.40 26.71 -1.91
CA THR A 101 -4.00 26.57 -1.56
C THR A 101 -3.29 25.61 -2.54
N ARG A 102 -1.98 25.65 -2.53
CA ARG A 102 -1.16 24.81 -3.37
C ARG A 102 -0.13 24.11 -2.50
N ARG A 103 0.11 22.82 -2.70
CA ARG A 103 1.19 22.15 -2.00
C ARG A 103 2.14 21.65 -3.09
N ASP A 104 3.45 21.92 -2.92
CA ASP A 104 4.50 21.52 -3.85
C ASP A 104 5.51 20.57 -3.21
N TRP A 105 6.18 19.78 -4.03
CA TRP A 105 7.19 18.85 -3.55
C TRP A 105 8.36 18.78 -4.52
N ILE A 106 9.55 18.53 -3.97
CA ILE A 106 10.77 18.28 -4.71
C ILE A 106 11.30 16.94 -4.19
N LEU A 107 11.60 16.02 -5.09
CA LEU A 107 12.15 14.72 -4.74
C LEU A 107 13.61 14.69 -5.16
N LYS A 108 14.50 14.21 -4.28
CA LYS A 108 15.93 14.11 -4.55
C LYS A 108 16.51 12.74 -4.20
N ASP A 109 17.57 12.35 -4.91
CA ASP A 109 18.34 11.16 -4.59
C ASP A 109 19.19 11.64 -3.39
N SER A 110 19.10 10.94 -2.25
CA SER A 110 19.80 11.35 -1.05
C SER A 110 21.32 11.29 -1.21
N VAL A 111 21.81 10.31 -1.97
CA VAL A 111 23.23 10.11 -2.18
C VAL A 111 23.86 11.18 -3.09
N THR A 112 23.21 11.49 -4.23
CA THR A 112 23.77 12.44 -5.18
C THR A 112 23.30 13.89 -4.98
N GLY A 113 22.15 14.08 -4.34
CA GLY A 113 21.56 15.40 -4.14
C GLY A 113 20.82 15.92 -5.37
N GLU A 114 20.78 15.12 -6.46
CA GLU A 114 20.12 15.48 -7.71
C GLU A 114 18.58 15.38 -7.62
N VAL A 115 17.87 16.32 -8.26
CA VAL A 115 16.41 16.32 -8.32
C VAL A 115 15.96 15.20 -9.24
N THR A 116 15.22 14.22 -8.70
CA THR A 116 14.72 13.09 -9.48
C THR A 116 13.20 13.17 -9.79
N GLY A 117 12.52 14.16 -9.24
CA GLY A 117 11.10 14.34 -9.46
C GLY A 117 10.56 15.60 -8.81
N ARG A 118 9.38 16.03 -9.25
CA ARG A 118 8.71 17.18 -8.66
C ARG A 118 7.20 17.04 -8.79
N ALA A 119 6.46 17.65 -7.87
CA ALA A 119 5.01 17.56 -7.89
C ALA A 119 4.37 18.84 -7.36
N THR A 120 3.15 19.09 -7.81
CA THR A 120 2.36 20.24 -7.42
C THR A 120 0.89 19.80 -7.34
N SER A 121 0.16 20.37 -6.40
CA SER A 121 -1.25 20.02 -6.22
C SER A 121 -2.08 21.25 -5.85
N LYS A 122 -3.29 21.39 -6.39
CA LYS A 122 -4.20 22.49 -6.10
C LYS A 122 -5.33 21.97 -5.20
N TRP A 123 -5.58 22.65 -4.09
CA TRP A 123 -6.57 22.27 -3.10
C TRP A 123 -7.63 23.37 -2.96
N VAL A 124 -8.89 22.99 -2.78
CA VAL A 124 -10.01 23.93 -2.61
C VAL A 124 -10.73 23.67 -1.28
N MET A 125 -11.43 24.68 -0.77
CA MET A 125 -12.17 24.52 0.49
C MET A 125 -13.57 24.00 0.17
N MET A 126 -14.02 23.03 0.95
CA MET A 126 -15.34 22.42 0.76
C MET A 126 -16.00 22.19 2.13
N ASN A 127 -17.33 22.34 2.21
CA ASN A 127 -18.03 22.04 3.45
C ASN A 127 -18.14 20.51 3.49
N GLN A 128 -17.68 19.90 4.59
CA GLN A 128 -17.68 18.44 4.86
C GLN A 128 -19.05 17.77 4.63
N ASP A 129 -20.13 18.46 5.02
CA ASP A 129 -21.49 17.94 4.98
C ASP A 129 -22.19 18.15 3.64
N THR A 130 -22.34 19.40 3.18
CA THR A 130 -23.03 19.69 1.92
C THR A 130 -22.24 19.41 0.67
N ARG A 131 -20.89 19.33 0.80
CA ARG A 131 -19.98 19.12 -0.33
C ARG A 131 -19.92 20.33 -1.25
N ARG A 132 -20.28 21.53 -0.76
CA ARG A 132 -20.27 22.75 -1.56
C ARG A 132 -18.96 23.47 -1.47
N LEU A 133 -18.32 23.73 -2.62
CA LEU A 133 -17.04 24.45 -2.66
C LEU A 133 -17.24 25.89 -2.26
N GLN A 134 -16.20 26.51 -1.70
CA GLN A 134 -16.27 27.91 -1.33
C GLN A 134 -14.90 28.56 -1.35
N LYS A 135 -14.87 29.88 -1.56
CA LYS A 135 -13.63 30.62 -1.58
C LYS A 135 -13.03 30.69 -0.17
N VAL A 136 -11.71 30.90 -0.10
CA VAL A 136 -11.01 30.97 1.16
C VAL A 136 -11.27 32.32 1.84
N SER A 137 -11.74 32.30 3.09
CA SER A 137 -11.99 33.54 3.83
C SER A 137 -10.68 34.15 4.33
N ASP A 138 -10.69 35.46 4.64
CA ASP A 138 -9.50 36.15 5.15
C ASP A 138 -9.00 35.55 6.46
N ASP A 139 -9.91 35.16 7.36
CA ASP A 139 -9.52 34.55 8.63
C ASP A 139 -8.76 33.24 8.43
N VAL A 140 -9.15 32.44 7.42
CA VAL A 140 -8.45 31.18 7.14
C VAL A 140 -7.11 31.46 6.46
N ARG A 141 -7.09 32.41 5.52
CA ARG A 141 -5.88 32.83 4.82
C ARG A 141 -4.80 33.31 5.79
N ASP A 142 -5.16 34.10 6.80
CA ASP A 142 -4.22 34.61 7.79
C ASP A 142 -3.67 33.51 8.70
N GLU A 143 -4.49 32.50 9.00
CA GLU A 143 -4.10 31.39 9.87
C GLU A 143 -3.06 30.46 9.26
N TYR A 144 -2.98 30.36 7.92
CA TYR A 144 -1.98 29.48 7.30
C TYR A 144 -0.83 30.27 6.61
N LEU A 145 -0.95 31.60 6.47
CA LEU A 145 0.13 32.41 5.89
C LEU A 145 1.39 32.44 6.75
N VAL A 146 1.25 32.26 8.06
CA VAL A 146 2.40 32.21 8.97
C VAL A 146 3.25 30.92 8.79
N PHE A 147 2.74 29.91 8.08
CA PHE A 147 3.45 28.66 7.79
C PHE A 147 3.91 28.54 6.31
N CYS A 148 3.65 29.55 5.50
CA CYS A 148 3.96 29.55 4.07
C CYS A 148 4.99 30.61 3.73
N PRO A 149 5.86 30.35 2.73
CA PRO A 149 6.78 31.43 2.30
C PRO A 149 5.96 32.57 1.68
N GLN A 150 6.38 33.80 1.94
CA GLN A 150 5.66 34.97 1.44
C GLN A 150 5.99 35.22 -0.03
N GLU A 151 7.26 35.10 -0.40
CA GLU A 151 7.67 35.23 -1.80
C GLU A 151 7.30 33.91 -2.51
N PRO A 152 6.85 33.98 -3.78
CA PRO A 152 6.48 32.74 -4.49
C PRO A 152 7.63 31.74 -4.64
N ARG A 153 7.34 30.47 -4.36
CA ARG A 153 8.27 29.36 -4.46
C ARG A 153 7.52 28.24 -5.21
N LEU A 154 7.88 28.02 -6.48
CA LEU A 154 7.16 27.06 -7.31
C LEU A 154 7.99 25.85 -7.68
N ALA A 155 7.42 24.64 -7.55
CA ALA A 155 8.11 23.44 -8.03
C ALA A 155 8.15 23.44 -9.57
N PHE A 156 7.12 24.01 -10.21
CA PHE A 156 7.01 24.14 -11.66
C PHE A 156 6.91 25.64 -11.99
N PRO A 157 8.07 26.33 -12.01
CA PRO A 157 8.01 27.77 -12.29
C PRO A 157 7.89 28.16 -13.77
N GLU A 158 8.38 27.32 -14.72
CA GLU A 158 8.31 27.58 -16.17
C GLU A 158 7.02 28.26 -16.66
N GLU A 159 7.11 29.04 -17.75
CA GLU A 159 5.96 29.79 -18.26
C GLU A 159 4.88 28.94 -18.93
N ASN A 160 5.26 27.96 -19.75
CA ASN A 160 4.25 27.12 -20.42
C ASN A 160 4.36 25.70 -19.87
N ASN A 161 4.39 25.57 -18.53
CA ASN A 161 4.56 24.27 -17.90
C ASN A 161 3.28 23.41 -17.94
N ARG A 162 3.46 22.09 -17.93
CA ARG A 162 2.41 21.07 -18.03
C ARG A 162 1.40 21.03 -16.88
N SER A 163 1.78 21.55 -15.70
CA SER A 163 0.90 21.52 -14.51
C SER A 163 -0.34 22.39 -14.61
N LEU A 164 -0.35 23.39 -15.50
CA LEU A 164 -1.48 24.32 -15.63
C LEU A 164 -2.27 24.20 -16.94
N LYS A 165 -2.09 23.09 -17.68
CA LYS A 165 -2.79 22.92 -18.95
C LYS A 165 -4.21 22.39 -18.76
N LYS A 166 -5.16 22.90 -19.57
CA LYS A 166 -6.57 22.49 -19.55
C LYS A 166 -6.68 21.04 -20.07
N ILE A 167 -7.47 20.18 -19.41
CA ILE A 167 -7.63 18.79 -19.84
C ILE A 167 -9.02 18.55 -20.45
N PRO A 168 -9.08 18.08 -21.71
CA PRO A 168 -10.39 17.84 -22.33
C PRO A 168 -11.08 16.56 -21.87
N LYS A 169 -12.35 16.40 -22.25
CA LYS A 169 -13.11 15.22 -21.88
C LYS A 169 -12.99 14.19 -22.99
N LEU A 170 -12.61 12.96 -22.63
CA LEU A 170 -12.46 11.86 -23.57
C LEU A 170 -13.83 11.56 -24.23
N GLU A 171 -13.86 11.40 -25.53
CA GLU A 171 -15.10 11.10 -26.26
C GLU A 171 -15.21 9.61 -26.55
N ASP A 172 -16.40 9.03 -26.39
CA ASP A 172 -16.62 7.62 -26.69
C ASP A 172 -16.59 7.42 -28.22
N PRO A 173 -16.06 6.30 -28.73
CA PRO A 173 -15.49 5.17 -27.98
C PRO A 173 -14.03 5.38 -27.53
N ALA A 174 -13.67 4.87 -26.34
CA ALA A 174 -12.30 4.94 -25.86
C ALA A 174 -11.44 3.91 -26.60
N GLN A 175 -10.13 4.19 -26.78
CA GLN A 175 -9.27 3.20 -27.44
C GLN A 175 -9.07 1.98 -26.52
N TYR A 176 -8.89 2.23 -25.22
CA TYR A 176 -8.68 1.20 -24.20
C TYR A 176 -9.64 1.41 -23.02
N SER A 177 -9.90 0.35 -22.25
CA SER A 177 -10.76 0.46 -21.09
C SER A 177 -10.53 -0.68 -20.11
N MET A 178 -10.81 -0.44 -18.85
CA MET A 178 -10.75 -1.40 -17.77
C MET A 178 -12.03 -1.11 -16.96
N ILE A 179 -12.96 -2.05 -16.97
CA ILE A 179 -14.32 -1.94 -16.45
C ILE A 179 -14.54 -2.65 -15.10
N GLY A 180 -15.46 -2.14 -14.28
CA GLY A 180 -15.81 -2.80 -13.03
C GLY A 180 -14.84 -2.67 -11.88
N LEU A 181 -14.03 -1.60 -11.85
CA LEU A 181 -13.08 -1.33 -10.77
C LEU A 181 -13.78 -0.93 -9.45
N LYS A 182 -13.51 -1.66 -8.36
CA LYS A 182 -14.13 -1.39 -7.07
C LYS A 182 -13.07 -1.22 -6.01
N PRO A 183 -13.25 -0.26 -5.09
CA PRO A 183 -12.28 -0.14 -4.00
C PRO A 183 -12.49 -1.21 -2.92
N ARG A 184 -11.41 -1.65 -2.29
CA ARG A 184 -11.51 -2.56 -1.15
C ARG A 184 -11.15 -1.74 0.15
N ARG A 185 -11.17 -2.35 1.35
CA ARG A 185 -10.89 -1.60 2.58
C ARG A 185 -9.50 -1.01 2.62
N ALA A 186 -8.51 -1.68 1.98
CA ALA A 186 -7.15 -1.14 1.89
C ALA A 186 -7.11 0.16 1.09
N ASP A 187 -8.07 0.39 0.18
CA ASP A 187 -8.13 1.63 -0.60
C ASP A 187 -8.75 2.81 0.17
N LEU A 188 -9.24 2.60 1.40
CA LEU A 188 -9.86 3.68 2.17
C LEU A 188 -8.84 4.31 3.12
N ASP A 189 -8.99 5.61 3.38
CA ASP A 189 -8.17 6.32 4.35
C ASP A 189 -8.78 6.15 5.76
N MET A 190 -8.19 6.80 6.79
CA MET A 190 -8.68 6.71 8.16
C MET A 190 -10.14 7.24 8.32
N ASN A 191 -10.63 8.08 7.40
CA ASN A 191 -12.01 8.59 7.49
C ASN A 191 -13.01 7.83 6.61
N GLN A 192 -12.62 6.63 6.12
CA GLN A 192 -13.40 5.72 5.28
C GLN A 192 -13.72 6.29 3.88
N HIS A 193 -12.91 7.24 3.41
CA HIS A 193 -13.04 7.81 2.07
C HIS A 193 -11.98 7.15 1.18
N VAL A 194 -12.25 7.01 -0.12
CA VAL A 194 -11.28 6.40 -1.03
C VAL A 194 -10.01 7.29 -1.10
N ASN A 195 -8.82 6.70 -0.89
CA ASN A 195 -7.53 7.40 -0.90
C ASN A 195 -7.31 7.99 -2.31
N ASN A 196 -6.83 9.24 -2.40
CA ASN A 196 -6.59 9.89 -3.70
C ASN A 196 -5.62 9.15 -4.61
N VAL A 197 -4.72 8.33 -4.01
CA VAL A 197 -3.74 7.55 -4.76
C VAL A 197 -4.42 6.41 -5.53
N THR A 198 -5.53 5.85 -5.00
CA THR A 198 -6.31 4.76 -5.64
C THR A 198 -6.78 5.22 -7.06
N TYR A 199 -7.17 6.49 -7.18
CA TYR A 199 -7.64 7.04 -8.46
C TYR A 199 -6.51 7.02 -9.49
N ILE A 200 -5.25 7.29 -9.06
CA ILE A 200 -4.09 7.25 -9.94
C ILE A 200 -3.93 5.80 -10.45
N GLY A 201 -4.05 4.82 -9.55
CA GLY A 201 -3.96 3.42 -9.92
C GLY A 201 -5.02 3.02 -10.94
N TRP A 202 -6.28 3.43 -10.69
CA TRP A 202 -7.41 3.14 -11.58
C TRP A 202 -7.20 3.78 -12.96
N VAL A 203 -6.66 5.02 -13.04
CA VAL A 203 -6.36 5.66 -14.33
C VAL A 203 -5.39 4.79 -15.16
N LEU A 204 -4.30 4.35 -14.48
CA LEU A 204 -3.24 3.55 -15.08
C LEU A 204 -3.66 2.14 -15.48
N GLU A 205 -4.76 1.62 -14.88
CA GLU A 205 -5.28 0.29 -15.20
C GLU A 205 -5.66 0.14 -16.67
N SER A 206 -6.08 1.23 -17.34
CA SER A 206 -6.48 1.12 -18.74
C SER A 206 -5.31 1.36 -19.73
N ILE A 207 -4.08 1.61 -19.25
CA ILE A 207 -2.92 1.73 -20.14
C ILE A 207 -2.57 0.31 -20.55
N PRO A 208 -2.36 0.03 -21.85
CA PRO A 208 -2.02 -1.36 -22.24
C PRO A 208 -0.69 -1.83 -21.64
N GLN A 209 -0.63 -3.12 -21.29
CA GLN A 209 0.54 -3.73 -20.67
C GLN A 209 1.83 -3.58 -21.52
N GLU A 210 1.72 -3.55 -22.86
CA GLU A 210 2.87 -3.37 -23.74
C GLU A 210 3.51 -1.98 -23.55
N ILE A 211 2.69 -0.95 -23.27
CA ILE A 211 3.22 0.38 -22.99
C ILE A 211 3.96 0.34 -21.67
N VAL A 212 3.34 -0.25 -20.65
CA VAL A 212 3.94 -0.38 -19.32
C VAL A 212 5.29 -1.14 -19.37
N ASP A 213 5.36 -2.22 -20.16
CA ASP A 213 6.56 -3.04 -20.34
C ASP A 213 7.73 -2.37 -21.10
N THR A 214 7.44 -1.45 -22.04
CA THR A 214 8.48 -0.81 -22.86
C THR A 214 8.73 0.68 -22.58
N HIS A 215 7.87 1.30 -21.77
CA HIS A 215 7.97 2.72 -21.46
C HIS A 215 7.97 2.97 -19.96
N GLU A 216 8.42 4.16 -19.55
CA GLU A 216 8.30 4.58 -18.16
C GLU A 216 7.43 5.81 -18.10
N LEU A 217 6.58 5.90 -17.07
CA LEU A 217 5.72 7.07 -16.87
C LEU A 217 6.57 8.30 -16.47
N GLN A 218 6.51 9.38 -17.27
CA GLN A 218 7.27 10.60 -16.96
C GLN A 218 6.39 11.65 -16.26
N VAL A 219 5.17 11.89 -16.80
CA VAL A 219 4.28 12.91 -16.28
C VAL A 219 2.87 12.36 -16.16
N ILE A 220 2.16 12.74 -15.09
CA ILE A 220 0.75 12.43 -14.88
C ILE A 220 0.10 13.69 -14.30
N THR A 221 -1.00 14.14 -14.90
CA THR A 221 -1.78 15.27 -14.43
C THR A 221 -3.19 14.72 -14.21
N LEU A 222 -3.74 14.91 -13.03
CA LEU A 222 -5.06 14.39 -12.71
C LEU A 222 -5.98 15.46 -12.09
N ASP A 223 -7.18 15.61 -12.65
CA ASP A 223 -8.24 16.48 -12.15
C ASP A 223 -9.24 15.63 -11.36
N TYR A 224 -9.69 16.11 -10.20
CA TYR A 224 -10.63 15.44 -9.32
C TYR A 224 -11.96 16.18 -9.39
N ARG A 225 -12.98 15.53 -9.95
CA ARG A 225 -14.29 16.18 -10.14
C ARG A 225 -15.29 15.77 -9.10
N ARG A 226 -15.28 14.50 -8.76
CA ARG A 226 -16.23 13.90 -7.85
C ARG A 226 -15.55 12.74 -7.13
N GLU A 227 -16.06 12.42 -5.96
CA GLU A 227 -15.56 11.35 -5.14
C GLU A 227 -16.24 9.98 -5.45
N CYS A 228 -15.47 8.88 -5.43
CA CYS A 228 -16.02 7.54 -5.62
C CYS A 228 -16.38 7.03 -4.21
N GLN A 229 -17.62 6.59 -4.03
CA GLN A 229 -18.04 6.04 -2.74
C GLN A 229 -17.52 4.61 -2.58
N GLN A 230 -17.53 4.12 -1.33
CA GLN A 230 -17.14 2.77 -0.95
C GLN A 230 -17.92 1.72 -1.78
N ASP A 231 -19.20 2.00 -2.11
CA ASP A 231 -20.07 1.08 -2.85
C ASP A 231 -20.27 1.45 -4.35
N ASP A 232 -19.43 2.35 -4.87
CA ASP A 232 -19.49 2.73 -6.28
C ASP A 232 -18.57 1.80 -7.14
N VAL A 233 -18.83 1.73 -8.45
CA VAL A 233 -18.05 0.93 -9.40
C VAL A 233 -17.56 1.89 -10.50
N VAL A 234 -16.31 1.78 -10.90
CA VAL A 234 -15.67 2.70 -11.82
C VAL A 234 -15.19 2.05 -13.11
N ASP A 235 -15.29 2.79 -14.22
CA ASP A 235 -14.75 2.40 -15.53
C ASP A 235 -13.60 3.36 -15.83
N SER A 236 -12.46 2.80 -16.25
CA SER A 236 -11.25 3.54 -16.57
C SER A 236 -11.06 3.56 -18.10
N LEU A 237 -11.00 4.73 -18.70
CA LEU A 237 -10.92 4.84 -20.16
C LEU A 237 -9.67 5.61 -20.60
N THR A 238 -9.00 5.17 -21.69
CA THR A 238 -7.78 5.77 -22.20
C THR A 238 -7.76 5.81 -23.74
N THR A 239 -7.30 6.93 -24.32
CA THR A 239 -7.13 7.08 -25.76
C THR A 239 -5.76 7.70 -26.00
N THR A 240 -4.96 7.13 -26.92
CA THR A 240 -3.65 7.70 -27.26
C THR A 240 -3.87 9.02 -27.99
N THR A 241 -3.21 10.09 -27.55
CA THR A 241 -3.32 11.38 -28.25
C THR A 241 -2.06 11.78 -29.01
N SER A 242 -1.09 10.86 -29.16
CA SER A 242 0.15 11.18 -29.89
C SER A 242 0.20 10.50 -31.27
N ASN A 259 9.03 9.19 -30.28
CA ASN A 259 9.62 8.45 -29.16
C ASN A 259 8.80 8.56 -27.84
N ASP A 260 7.92 9.56 -27.70
CA ASP A 260 7.10 9.69 -26.51
C ASP A 260 5.64 9.30 -26.80
N SER A 261 4.93 8.74 -25.81
CA SER A 261 3.52 8.37 -25.97
C SER A 261 2.69 9.20 -25.00
N GLN A 262 1.60 9.80 -25.46
CA GLN A 262 0.71 10.57 -24.60
C GLN A 262 -0.69 9.95 -24.64
N PHE A 263 -1.39 10.00 -23.51
CA PHE A 263 -2.73 9.45 -23.41
C PHE A 263 -3.64 10.45 -22.71
N LEU A 264 -4.92 10.41 -23.08
CA LEU A 264 -6.00 11.16 -22.45
C LEU A 264 -6.78 10.12 -21.62
N HIS A 265 -7.16 10.47 -20.39
CA HIS A 265 -7.81 9.53 -19.49
C HIS A 265 -9.14 10.03 -18.93
N LEU A 266 -10.06 9.10 -18.63
CA LEU A 266 -11.33 9.41 -18.00
C LEU A 266 -11.78 8.27 -17.06
N LEU A 267 -12.11 8.60 -15.80
CA LEU A 267 -12.71 7.67 -14.85
C LEU A 267 -14.16 8.14 -14.72
N ARG A 268 -15.11 7.22 -14.84
CA ARG A 268 -16.51 7.53 -14.69
C ARG A 268 -17.23 6.39 -14.02
N LEU A 269 -18.35 6.66 -13.33
CA LEU A 269 -19.12 5.59 -12.66
C LEU A 269 -19.67 4.63 -13.69
N SER A 270 -19.56 3.29 -13.44
CA SER A 270 -19.97 2.24 -14.39
C SER A 270 -21.40 2.30 -14.83
N GLY A 271 -22.27 2.77 -13.95
CA GLY A 271 -23.68 2.86 -14.25
C GLY A 271 -24.03 4.02 -15.16
N ASP A 272 -24.35 5.17 -14.55
CA ASP A 272 -24.80 6.34 -15.30
C ASP A 272 -23.69 7.10 -16.07
N GLY A 273 -22.43 6.74 -15.89
CA GLY A 273 -21.35 7.41 -16.60
C GLY A 273 -20.98 8.79 -16.07
N GLN A 274 -21.31 9.06 -14.79
CA GLN A 274 -20.93 10.30 -14.12
C GLN A 274 -19.38 10.39 -14.00
N GLU A 275 -18.79 11.50 -14.48
CA GLU A 275 -17.35 11.72 -14.40
C GLU A 275 -16.81 11.80 -12.95
N ILE A 276 -15.74 11.08 -12.68
CA ILE A 276 -15.07 11.06 -11.39
C ILE A 276 -13.76 11.88 -11.51
N ASN A 277 -12.96 11.57 -12.55
CA ASN A 277 -11.67 12.19 -12.84
C ASN A 277 -11.42 12.24 -14.34
N ARG A 278 -10.55 13.14 -14.74
CA ARG A 278 -9.97 13.23 -16.07
C ARG A 278 -8.47 13.52 -15.89
N GLY A 279 -7.65 12.99 -16.79
CA GLY A 279 -6.21 13.20 -16.69
C GLY A 279 -5.48 12.97 -17.99
N THR A 280 -4.17 13.19 -17.97
CA THR A 280 -3.25 12.95 -19.09
C THR A 280 -1.97 12.31 -18.55
N THR A 281 -1.36 11.42 -19.33
CA THR A 281 -0.06 10.83 -18.98
C THR A 281 0.92 10.95 -20.16
N LEU A 282 2.21 11.07 -19.86
CA LEU A 282 3.25 11.15 -20.86
C LEU A 282 4.27 10.04 -20.51
N TRP A 283 4.61 9.20 -21.48
CA TRP A 283 5.50 8.08 -21.25
C TRP A 283 6.68 8.16 -22.20
N ARG A 284 7.89 7.90 -21.70
CA ARG A 284 9.07 7.88 -22.55
C ARG A 284 9.57 6.45 -22.73
N LYS A 285 10.13 6.15 -23.90
CA LYS A 285 10.65 4.81 -24.18
C LYS A 285 11.84 4.51 -23.27
N LYS A 286 11.90 3.29 -22.69
CA LYS A 286 13.00 2.87 -21.81
C LYS A 286 14.32 2.81 -22.56
N GLY B 2 17.71 -1.35 9.71
CA GLY B 2 17.61 -2.69 10.25
C GLY B 2 18.97 -3.38 10.35
N SER B 3 19.05 -4.42 11.18
CA SER B 3 20.30 -5.13 11.34
C SER B 3 20.13 -6.53 11.90
N LEU B 4 21.06 -7.43 11.53
CA LEU B 4 21.15 -8.77 12.14
C LEU B 4 21.51 -8.55 13.63
N THR B 5 20.99 -9.39 14.53
CA THR B 5 21.32 -9.30 15.95
C THR B 5 22.77 -9.75 16.20
N GLU B 6 23.26 -9.67 17.45
CA GLU B 6 24.64 -10.00 17.76
C GLU B 6 25.11 -11.40 17.26
N ASP B 7 24.28 -12.44 17.43
CA ASP B 7 24.67 -13.79 17.01
C ASP B 7 24.52 -14.04 15.48
N GLY B 8 23.93 -13.08 14.75
CA GLY B 8 23.71 -13.22 13.31
C GLY B 8 22.63 -14.22 12.94
N LEU B 9 21.83 -14.69 13.94
CA LEU B 9 20.81 -15.70 13.71
C LEU B 9 19.37 -15.15 13.64
N SER B 10 19.18 -13.82 13.73
CA SER B 10 17.88 -13.17 13.57
C SER B 10 18.09 -11.70 13.13
N TYR B 11 17.01 -11.03 12.72
CA TYR B 11 17.10 -9.68 12.18
C TYR B 11 16.05 -8.76 12.81
N LYS B 12 16.43 -7.52 13.13
CA LYS B 12 15.53 -6.54 13.73
C LYS B 12 15.39 -5.30 12.89
N GLU B 13 14.21 -4.70 12.88
CA GLU B 13 13.97 -3.46 12.14
C GLU B 13 12.85 -2.67 12.80
N LYS B 14 12.98 -1.34 12.78
CA LYS B 14 11.97 -0.44 13.34
C LYS B 14 11.23 0.25 12.20
N PHE B 15 9.93 0.44 12.39
CA PHE B 15 9.08 1.12 11.40
C PHE B 15 8.23 2.17 12.10
N VAL B 16 8.11 3.34 11.48
CA VAL B 16 7.22 4.38 12.00
C VAL B 16 5.93 4.22 11.20
N VAL B 17 4.79 4.02 11.86
CA VAL B 17 3.52 3.80 11.17
C VAL B 17 3.04 5.09 10.40
N ARG B 18 2.79 4.96 9.09
CA ARG B 18 2.42 6.08 8.20
C ARG B 18 0.93 6.39 8.15
N SER B 19 0.59 7.65 7.83
CA SER B 19 -0.80 8.13 7.73
C SER B 19 -1.68 7.29 6.81
N TYR B 20 -1.16 6.88 5.63
CA TYR B 20 -1.95 6.05 4.71
C TYR B 20 -1.99 4.56 5.12
N GLU B 21 -1.20 4.16 6.09
CA GLU B 21 -1.15 2.77 6.57
C GLU B 21 -2.21 2.44 7.62
N VAL B 22 -2.96 3.44 8.11
CA VAL B 22 -3.94 3.20 9.17
C VAL B 22 -5.40 3.16 8.72
N GLY B 23 -6.21 2.41 9.46
CA GLY B 23 -7.66 2.31 9.25
C GLY B 23 -8.45 3.34 10.03
N SER B 24 -9.76 3.11 10.20
CA SER B 24 -10.66 4.07 10.89
C SER B 24 -10.36 4.29 12.39
N ASN B 25 -9.69 3.34 13.06
CA ASN B 25 -9.29 3.47 14.45
C ASN B 25 -7.93 4.22 14.63
N LYS B 26 -7.37 4.79 13.53
CA LYS B 26 -6.05 5.45 13.52
C LYS B 26 -4.92 4.49 13.93
N THR B 27 -5.11 3.18 13.72
CA THR B 27 -4.09 2.17 13.98
C THR B 27 -3.84 1.37 12.69
N ALA B 28 -2.63 0.78 12.58
CA ALA B 28 -2.21 0.03 11.40
C ALA B 28 -3.17 -1.10 11.05
N THR B 29 -3.52 -1.24 9.76
CA THR B 29 -4.37 -2.34 9.32
C THR B 29 -3.59 -3.67 9.37
N VAL B 30 -4.29 -4.82 9.31
CA VAL B 30 -3.59 -6.11 9.29
C VAL B 30 -2.77 -6.28 7.99
N GLU B 31 -3.19 -5.60 6.91
CA GLU B 31 -2.45 -5.60 5.65
C GLU B 31 -1.18 -4.78 5.77
N THR B 32 -1.19 -3.67 6.53
CA THR B 32 0.04 -2.92 6.77
C THR B 32 0.99 -3.80 7.59
N ILE B 33 0.48 -4.49 8.62
CA ILE B 33 1.30 -5.38 9.43
C ILE B 33 1.95 -6.47 8.56
N ALA B 34 1.14 -7.16 7.71
CA ALA B 34 1.62 -8.20 6.80
C ALA B 34 2.69 -7.70 5.82
N ASN B 35 2.57 -6.43 5.34
CA ASN B 35 3.56 -5.82 4.45
C ASN B 35 4.87 -5.57 5.22
N LEU B 36 4.79 -5.18 6.48
CA LEU B 36 5.98 -4.95 7.33
C LEU B 36 6.66 -6.29 7.65
N LEU B 37 5.88 -7.37 7.86
CA LEU B 37 6.48 -8.70 8.09
C LEU B 37 7.28 -9.13 6.84
N GLN B 38 6.72 -8.87 5.66
CA GLN B 38 7.33 -9.19 4.37
C GLN B 38 8.60 -8.35 4.13
N GLU B 39 8.55 -7.04 4.42
CA GLU B 39 9.72 -6.16 4.31
C GLU B 39 10.89 -6.58 5.24
N VAL B 40 10.61 -6.91 6.51
CA VAL B 40 11.66 -7.32 7.43
C VAL B 40 12.20 -8.71 7.02
N GLY B 41 11.36 -9.57 6.43
CA GLY B 41 11.79 -10.86 5.88
C GLY B 41 12.75 -10.67 4.71
N CYS B 42 12.39 -9.78 3.74
CA CYS B 42 13.26 -9.51 2.60
C CYS B 42 14.58 -8.88 3.04
N ASN B 43 14.57 -7.99 4.04
CA ASN B 43 15.81 -7.35 4.50
C ASN B 43 16.74 -8.36 5.21
N HIS B 44 16.18 -9.32 5.92
CA HIS B 44 16.93 -10.40 6.57
C HIS B 44 17.66 -11.24 5.49
N ALA B 45 16.94 -11.71 4.44
CA ALA B 45 17.51 -12.49 3.34
C ALA B 45 18.65 -11.73 2.66
N GLN B 46 18.46 -10.43 2.41
CA GLN B 46 19.48 -9.60 1.79
C GLN B 46 20.74 -9.49 2.68
N SER B 47 20.55 -9.32 3.98
CA SER B 47 21.67 -9.17 4.90
C SER B 47 22.52 -10.43 5.05
N VAL B 48 21.96 -11.60 4.72
CA VAL B 48 22.74 -12.85 4.84
C VAL B 48 23.18 -13.39 3.47
N GLY B 49 23.17 -12.57 2.42
CA GLY B 49 23.68 -12.97 1.12
C GLY B 49 22.72 -13.38 0.03
N PHE B 50 21.40 -13.35 0.27
CA PHE B 50 20.43 -13.71 -0.77
C PHE B 50 20.06 -12.52 -1.65
N ALA B 56 14.36 -15.61 -1.62
CA ALA B 56 15.32 -16.19 -0.68
C ALA B 56 15.96 -17.45 -1.26
N THR B 57 16.26 -17.43 -2.56
CA THR B 57 16.85 -18.57 -3.23
C THR B 57 18.35 -18.68 -2.99
N THR B 58 18.83 -19.89 -2.66
CA THR B 58 20.26 -20.16 -2.51
C THR B 58 20.89 -20.37 -3.92
N THR B 59 22.20 -20.61 -4.00
CA THR B 59 22.90 -20.86 -5.26
C THR B 59 22.35 -22.14 -5.91
N THR B 60 22.10 -23.18 -5.11
CA THR B 60 21.58 -24.46 -5.63
C THR B 60 20.14 -24.30 -6.14
N MET B 61 19.32 -23.51 -5.43
CA MET B 61 17.94 -23.26 -5.84
C MET B 61 17.91 -22.54 -7.20
N ARG B 62 18.79 -21.56 -7.41
CA ARG B 62 18.85 -20.84 -8.68
C ARG B 62 19.26 -21.75 -9.84
N LYS B 63 20.17 -22.69 -9.55
CA LYS B 63 20.68 -23.66 -10.52
C LYS B 63 19.57 -24.62 -10.98
N LEU B 64 18.66 -25.00 -10.05
CA LEU B 64 17.59 -25.93 -10.40
C LEU B 64 16.21 -25.29 -10.63
N HIS B 65 16.14 -23.95 -10.69
CA HIS B 65 14.89 -23.22 -10.91
C HIS B 65 13.89 -23.49 -9.77
N LEU B 66 14.37 -23.50 -8.53
CA LEU B 66 13.56 -23.74 -7.34
C LEU B 66 13.28 -22.45 -6.61
N ILE B 67 12.06 -22.31 -6.05
CA ILE B 67 11.63 -21.15 -5.26
C ILE B 67 10.93 -21.57 -3.96
N TRP B 68 10.89 -20.66 -2.99
CA TRP B 68 10.16 -20.84 -1.75
C TRP B 68 8.79 -20.22 -1.93
N VAL B 69 7.73 -20.95 -1.63
CA VAL B 69 6.38 -20.46 -1.77
C VAL B 69 5.65 -20.58 -0.42
N THR B 70 4.78 -19.62 -0.07
CA THR B 70 4.03 -19.70 1.19
C THR B 70 2.94 -20.75 1.13
N ALA B 71 2.89 -21.61 2.14
CA ALA B 71 1.83 -22.61 2.26
C ALA B 71 0.81 -22.11 3.32
N ARG B 72 1.31 -21.48 4.39
CA ARG B 72 0.46 -21.02 5.48
C ARG B 72 1.04 -19.77 6.13
N MET B 73 0.16 -18.82 6.50
CA MET B 73 0.50 -17.59 7.21
C MET B 73 -0.41 -17.55 8.47
N HIS B 74 0.15 -17.29 9.64
CA HIS B 74 -0.62 -17.21 10.88
C HIS B 74 -0.18 -15.94 11.62
N ILE B 75 -1.11 -14.99 11.85
CA ILE B 75 -0.77 -13.75 12.53
C ILE B 75 -1.70 -13.52 13.74
N GLU B 76 -1.13 -13.12 14.89
N GLU B 76 -1.13 -13.12 14.89
N GLU B 76 -1.13 -13.12 14.89
CA GLU B 76 -1.90 -12.79 16.08
CA GLU B 76 -1.88 -12.80 16.10
CA GLU B 76 -1.90 -12.79 16.08
C GLU B 76 -1.48 -11.42 16.61
C GLU B 76 -1.47 -11.42 16.61
C GLU B 76 -1.48 -11.43 16.60
N ILE B 77 -2.41 -10.45 16.63
CA ILE B 77 -2.13 -9.08 17.08
C ILE B 77 -2.88 -8.76 18.39
N TYR B 78 -2.15 -8.33 19.44
CA TYR B 78 -2.72 -7.95 20.75
C TYR B 78 -3.03 -6.44 20.77
N LYS B 79 -2.16 -5.63 20.15
CA LYS B 79 -2.36 -4.19 20.03
C LYS B 79 -1.83 -3.75 18.66
N TYR B 80 -2.65 -3.01 17.92
CA TYR B 80 -2.24 -2.47 16.63
C TYR B 80 -1.53 -1.14 16.88
N PRO B 81 -0.34 -0.91 16.28
CA PRO B 81 0.37 0.36 16.54
C PRO B 81 -0.38 1.54 15.94
N ALA B 82 -0.42 2.66 16.67
CA ALA B 82 -1.10 3.86 16.17
C ALA B 82 -0.20 4.62 15.18
N TRP B 83 -0.81 5.46 14.35
CA TRP B 83 -0.16 6.34 13.39
C TRP B 83 0.91 7.21 14.11
N GLY B 84 2.15 7.09 13.67
CA GLY B 84 3.25 7.81 14.29
C GLY B 84 4.04 6.98 15.30
N ASP B 85 3.49 5.82 15.72
CA ASP B 85 4.19 4.95 16.67
C ASP B 85 5.30 4.17 15.99
N VAL B 86 6.31 3.78 16.76
CA VAL B 86 7.41 2.98 16.26
C VAL B 86 7.17 1.53 16.69
N VAL B 87 7.18 0.62 15.72
CA VAL B 87 7.04 -0.81 16.01
C VAL B 87 8.37 -1.50 15.65
N GLU B 88 8.87 -2.36 16.54
CA GLU B 88 10.11 -3.09 16.26
C GLU B 88 9.76 -4.54 15.94
N ILE B 89 10.29 -5.08 14.85
CA ILE B 89 10.00 -6.45 14.45
C ILE B 89 11.27 -7.29 14.37
N GLU B 90 11.27 -8.42 15.06
CA GLU B 90 12.39 -9.36 15.01
C GLU B 90 11.93 -10.61 14.22
N THR B 91 12.74 -11.08 13.26
CA THR B 91 12.43 -12.22 12.43
C THR B 91 13.60 -13.22 12.33
N TRP B 92 13.26 -14.49 12.20
CA TRP B 92 14.23 -15.56 12.05
C TRP B 92 13.62 -16.72 11.27
N CYS B 93 14.46 -17.61 10.75
CA CYS B 93 14.04 -18.78 10.01
C CYS B 93 14.49 -20.06 10.67
N GLN B 94 13.85 -21.19 10.34
CA GLN B 94 14.24 -22.51 10.82
C GLN B 94 13.86 -23.57 9.81
N SER B 95 14.70 -24.61 9.61
CA SER B 95 14.37 -25.72 8.72
C SER B 95 13.36 -26.62 9.47
N GLU B 96 12.43 -27.23 8.73
CA GLU B 96 11.49 -28.18 9.30
C GLU B 96 11.70 -29.52 8.60
N GLY B 97 12.95 -29.97 8.58
CA GLY B 97 13.33 -31.21 7.91
C GLY B 97 13.19 -31.07 6.41
N ARG B 98 12.64 -32.09 5.76
CA ARG B 98 12.43 -32.08 4.31
C ARG B 98 11.09 -31.45 3.90
N ILE B 99 10.21 -31.15 4.86
CA ILE B 99 8.90 -30.56 4.57
C ILE B 99 9.06 -29.16 3.96
N GLY B 100 9.92 -28.35 4.58
CA GLY B 100 10.15 -26.98 4.14
C GLY B 100 10.80 -26.16 5.22
N THR B 101 10.59 -24.84 5.18
CA THR B 101 11.15 -23.92 6.16
C THR B 101 10.02 -23.13 6.85
N ARG B 102 10.35 -22.50 7.95
CA ARG B 102 9.43 -21.69 8.70
C ARG B 102 10.05 -20.33 8.96
N ARG B 103 9.29 -19.25 8.81
CA ARG B 103 9.78 -17.94 9.18
C ARG B 103 8.85 -17.44 10.27
N ASP B 104 9.43 -16.94 11.39
CA ASP B 104 8.69 -16.42 12.54
C ASP B 104 8.98 -14.94 12.79
N TRP B 105 8.05 -14.24 13.45
CA TRP B 105 8.22 -12.84 13.76
C TRP B 105 7.65 -12.54 15.13
N ILE B 106 8.28 -11.56 15.82
CA ILE B 106 7.80 -11.01 17.06
C ILE B 106 7.69 -9.49 16.83
N LEU B 107 6.55 -8.91 17.21
N LEU B 107 6.55 -8.91 17.21
N LEU B 107 6.55 -8.91 17.21
CA LEU B 107 6.33 -7.48 17.06
CA LEU B 107 6.33 -7.48 17.06
CA LEU B 107 6.33 -7.48 17.06
C LEU B 107 6.30 -6.85 18.45
C LEU B 107 6.30 -6.85 18.45
C LEU B 107 6.30 -6.85 18.45
N LYS B 108 7.01 -5.74 18.62
CA LYS B 108 7.07 -5.05 19.90
C LYS B 108 6.81 -3.54 19.76
N ASP B 109 6.28 -2.95 20.84
CA ASP B 109 6.14 -1.50 20.95
C ASP B 109 7.57 -1.06 21.29
N SER B 110 8.15 -0.16 20.49
CA SER B 110 9.53 0.27 20.69
C SER B 110 9.72 1.02 22.00
N VAL B 111 8.70 1.78 22.41
CA VAL B 111 8.77 2.58 23.63
C VAL B 111 8.68 1.72 24.91
N THR B 112 7.75 0.77 24.96
CA THR B 112 7.56 -0.04 26.17
C THR B 112 8.34 -1.36 26.17
N GLY B 113 8.70 -1.86 25.00
CA GLY B 113 9.37 -3.15 24.87
C GLY B 113 8.43 -4.35 24.95
N GLU B 114 7.12 -4.10 25.13
CA GLU B 114 6.10 -5.13 25.24
C GLU B 114 5.76 -5.78 23.88
N VAL B 115 5.52 -7.10 23.90
CA VAL B 115 5.12 -7.84 22.70
C VAL B 115 3.70 -7.47 22.34
N THR B 116 3.48 -6.88 21.16
CA THR B 116 2.15 -6.49 20.69
C THR B 116 1.58 -7.41 19.59
N GLY B 117 2.39 -8.35 19.11
CA GLY B 117 1.96 -9.28 18.08
C GLY B 117 3.01 -10.34 17.77
N ARG B 118 2.58 -11.39 17.07
N ARG B 118 2.58 -11.39 17.08
N ARG B 118 2.58 -11.39 17.08
CA ARG B 118 3.47 -12.47 16.65
CA ARG B 118 3.47 -12.47 16.65
CA ARG B 118 3.47 -12.47 16.65
C ARG B 118 2.94 -13.16 15.40
C ARG B 118 2.94 -13.16 15.40
C ARG B 118 2.94 -13.16 15.40
N ALA B 119 3.86 -13.71 14.59
CA ALA B 119 3.46 -14.38 13.36
C ALA B 119 4.38 -15.54 13.03
N THR B 120 3.85 -16.51 12.31
CA THR B 120 4.57 -17.67 11.86
C THR B 120 4.09 -18.01 10.44
N SER B 121 4.98 -18.53 9.62
CA SER B 121 4.64 -18.89 8.25
C SER B 121 5.38 -20.15 7.81
N LYS B 122 4.69 -21.04 7.09
CA LYS B 122 5.26 -22.28 6.55
C LYS B 122 5.51 -22.12 5.05
N TRP B 123 6.72 -22.42 4.60
CA TRP B 123 7.13 -22.27 3.22
C TRP B 123 7.55 -23.63 2.64
N VAL B 124 7.20 -23.90 1.38
CA VAL B 124 7.56 -25.15 0.70
C VAL B 124 8.38 -24.85 -0.57
N MET B 125 9.14 -25.83 -1.04
CA MET B 125 9.93 -25.65 -2.25
C MET B 125 9.09 -26.02 -3.47
N MET B 126 9.15 -25.21 -4.51
CA MET B 126 8.39 -25.44 -5.73
C MET B 126 9.27 -25.12 -6.94
N ASN B 127 9.11 -25.88 -8.03
CA ASN B 127 9.86 -25.58 -9.26
C ASN B 127 9.11 -24.40 -9.88
N GLN B 128 9.79 -23.29 -10.17
CA GLN B 128 9.14 -22.08 -10.70
C GLN B 128 8.44 -22.28 -12.06
N ASP B 129 8.91 -23.24 -12.88
CA ASP B 129 8.32 -23.51 -14.19
C ASP B 129 7.13 -24.48 -14.15
N THR B 130 7.32 -25.71 -13.63
CA THR B 130 6.25 -26.70 -13.59
C THR B 130 5.24 -26.49 -12.47
N ARG B 131 5.61 -25.71 -11.43
CA ARG B 131 4.84 -25.44 -10.22
C ARG B 131 4.62 -26.71 -9.39
N ARG B 132 5.54 -27.69 -9.49
CA ARG B 132 5.44 -28.93 -8.74
C ARG B 132 6.18 -28.82 -7.43
N LEU B 133 5.50 -29.11 -6.31
CA LEU B 133 6.12 -29.05 -4.99
C LEU B 133 7.16 -30.15 -4.86
N GLN B 134 8.25 -29.85 -4.18
CA GLN B 134 9.33 -30.79 -3.96
C GLN B 134 9.77 -30.76 -2.50
N LYS B 135 10.33 -31.87 -2.02
CA LYS B 135 10.89 -31.93 -0.68
C LYS B 135 12.22 -31.15 -0.68
N VAL B 136 12.70 -30.74 0.50
CA VAL B 136 13.96 -30.01 0.59
C VAL B 136 15.13 -30.98 0.54
N SER B 137 16.06 -30.78 -0.40
CA SER B 137 17.22 -31.65 -0.53
C SER B 137 18.27 -31.34 0.55
N ASP B 138 19.16 -32.31 0.82
CA ASP B 138 20.25 -32.19 1.77
C ASP B 138 21.12 -30.96 1.48
N ASP B 139 21.50 -30.75 0.22
CA ASP B 139 22.33 -29.62 -0.20
C ASP B 139 21.69 -28.27 0.11
N VAL B 140 20.36 -28.17 -0.02
CA VAL B 140 19.65 -26.93 0.27
C VAL B 140 19.55 -26.69 1.78
N ARG B 141 19.24 -27.75 2.55
CA ARG B 141 19.17 -27.66 4.01
C ARG B 141 20.49 -27.19 4.61
N ASP B 142 21.61 -27.67 4.04
CA ASP B 142 22.96 -27.36 4.49
C ASP B 142 23.30 -25.88 4.36
N GLU B 143 23.01 -25.26 3.21
CA GLU B 143 23.33 -23.84 3.02
C GLU B 143 22.37 -22.88 3.72
N TYR B 144 21.26 -23.38 4.27
CA TYR B 144 20.28 -22.58 5.01
C TYR B 144 20.54 -22.64 6.52
N LEU B 145 21.04 -23.77 7.02
CA LEU B 145 21.26 -24.03 8.43
C LEU B 145 22.27 -23.12 9.09
N VAL B 146 23.24 -22.60 8.33
CA VAL B 146 24.23 -21.67 8.86
C VAL B 146 23.64 -20.29 9.22
N PHE B 147 22.42 -19.99 8.77
CA PHE B 147 21.73 -18.72 9.04
C PHE B 147 20.53 -18.89 10.03
N CYS B 148 20.29 -20.11 10.50
CA CYS B 148 19.17 -20.42 11.40
C CYS B 148 19.65 -20.85 12.75
N PRO B 149 18.90 -20.55 13.83
CA PRO B 149 19.27 -21.10 15.15
C PRO B 149 19.15 -22.63 15.13
N GLN B 150 20.08 -23.31 15.78
CA GLN B 150 20.08 -24.78 15.78
C GLN B 150 19.04 -25.31 16.76
N GLU B 151 18.98 -24.72 17.97
CA GLU B 151 17.96 -25.10 18.94
C GLU B 151 16.63 -24.47 18.51
N PRO B 152 15.50 -25.17 18.69
CA PRO B 152 14.21 -24.60 18.27
C PRO B 152 13.86 -23.29 18.96
N ARG B 153 13.38 -22.32 18.17
CA ARG B 153 12.96 -20.99 18.60
C ARG B 153 11.61 -20.74 17.93
N LEU B 154 10.51 -20.82 18.70
CA LEU B 154 9.17 -20.69 18.12
C LEU B 154 8.45 -19.44 18.58
N ALA B 155 7.82 -18.70 17.65
CA ALA B 155 6.98 -17.58 18.02
C ALA B 155 5.70 -18.09 18.71
N PHE B 156 5.21 -19.27 18.31
CA PHE B 156 4.04 -19.93 18.88
C PHE B 156 4.50 -21.28 19.44
N PRO B 157 5.08 -21.30 20.64
CA PRO B 157 5.57 -22.58 21.18
C PRO B 157 4.51 -23.47 21.84
N GLU B 158 3.43 -22.92 22.41
CA GLU B 158 2.36 -23.67 23.08
C GLU B 158 1.97 -25.00 22.38
N GLU B 159 1.90 -26.13 23.14
CA GLU B 159 1.54 -27.41 22.52
C GLU B 159 0.06 -27.36 22.15
N ASN B 160 -0.25 -27.57 20.85
CA ASN B 160 -1.59 -27.48 20.27
C ASN B 160 -2.10 -26.03 20.27
N ASN B 161 -1.39 -25.16 19.54
CA ASN B 161 -1.70 -23.73 19.40
C ASN B 161 -2.55 -23.47 18.12
N ARG B 162 -3.02 -22.23 17.91
CA ARG B 162 -3.86 -21.92 16.76
C ARG B 162 -3.14 -21.99 15.40
N SER B 163 -1.80 -21.84 15.38
CA SER B 163 -1.04 -21.85 14.13
C SER B 163 -0.93 -23.19 13.43
N LEU B 164 -1.23 -24.29 14.14
CA LEU B 164 -1.11 -25.63 13.57
C LEU B 164 -2.45 -26.38 13.43
N LYS B 165 -3.58 -25.66 13.54
CA LYS B 165 -4.89 -26.29 13.45
C LYS B 165 -5.34 -26.51 11.99
N LYS B 166 -5.99 -27.65 11.72
CA LYS B 166 -6.49 -27.98 10.39
C LYS B 166 -7.68 -27.08 10.03
N ILE B 167 -7.74 -26.54 8.80
CA ILE B 167 -8.84 -25.66 8.39
C ILE B 167 -9.80 -26.37 7.42
N PRO B 168 -11.09 -26.46 7.76
CA PRO B 168 -12.04 -27.13 6.85
C PRO B 168 -12.45 -26.27 5.65
N LYS B 169 -13.14 -26.90 4.69
CA LYS B 169 -13.59 -26.20 3.50
C LYS B 169 -15.02 -25.70 3.73
N LEU B 170 -15.24 -24.41 3.48
CA LEU B 170 -16.55 -23.77 3.65
C LEU B 170 -17.55 -24.44 2.68
N GLU B 171 -18.75 -24.79 3.15
CA GLU B 171 -19.76 -25.41 2.30
C GLU B 171 -20.78 -24.36 1.85
N ASP B 172 -21.22 -24.43 0.58
CA ASP B 172 -22.23 -23.52 0.07
C ASP B 172 -23.60 -23.86 0.70
N PRO B 173 -24.46 -22.86 1.00
CA PRO B 173 -24.27 -21.43 0.78
C PRO B 173 -23.44 -20.72 1.87
N ALA B 174 -22.62 -19.73 1.49
CA ALA B 174 -21.86 -18.95 2.45
C ALA B 174 -22.79 -17.93 3.14
N GLN B 175 -22.50 -17.57 4.40
CA GLN B 175 -23.34 -16.58 5.09
C GLN B 175 -23.13 -15.20 4.46
N TYR B 176 -21.89 -14.87 4.12
CA TYR B 176 -21.50 -13.60 3.50
C TYR B 176 -20.63 -13.83 2.27
N SER B 177 -20.58 -12.86 1.36
CA SER B 177 -19.76 -12.99 0.17
C SER B 177 -19.46 -11.63 -0.45
N MET B 178 -18.35 -11.54 -1.17
CA MET B 178 -17.92 -10.37 -1.91
C MET B 178 -17.39 -10.96 -3.22
N ILE B 179 -18.07 -10.69 -4.33
CA ILE B 179 -17.72 -11.32 -5.59
C ILE B 179 -17.12 -10.35 -6.62
N GLY B 180 -16.42 -10.93 -7.59
CA GLY B 180 -15.81 -10.15 -8.65
C GLY B 180 -14.55 -9.39 -8.27
N LEU B 181 -13.80 -9.85 -7.26
CA LEU B 181 -12.55 -9.20 -6.85
C LEU B 181 -11.40 -9.44 -7.88
N LYS B 182 -10.81 -8.34 -8.39
CA LYS B 182 -9.73 -8.44 -9.38
C LYS B 182 -8.50 -7.70 -8.90
N PRO B 183 -7.31 -8.24 -9.10
CA PRO B 183 -6.10 -7.50 -8.74
C PRO B 183 -5.78 -6.38 -9.74
N ARG B 184 -5.23 -5.28 -9.25
CA ARG B 184 -4.75 -4.21 -10.12
C ARG B 184 -3.19 -4.25 -10.11
N ARG B 185 -2.49 -3.36 -10.86
CA ARG B 185 -1.03 -3.41 -10.91
C ARG B 185 -0.37 -3.18 -9.58
N ALA B 186 -1.00 -2.37 -8.69
CA ALA B 186 -0.48 -2.15 -7.34
C ALA B 186 -0.51 -3.44 -6.51
N ASP B 187 -1.38 -4.41 -6.84
CA ASP B 187 -1.42 -5.69 -6.14
C ASP B 187 -0.34 -6.69 -6.59
N LEU B 188 0.47 -6.35 -7.61
CA LEU B 188 1.51 -7.26 -8.09
C LEU B 188 2.85 -6.95 -7.43
N ASP B 189 3.68 -7.96 -7.24
CA ASP B 189 5.04 -7.79 -6.73
C ASP B 189 6.00 -7.47 -7.93
N MET B 190 7.30 -7.35 -7.66
CA MET B 190 8.30 -7.08 -8.70
C MET B 190 8.37 -8.17 -9.80
N ASN B 191 7.90 -9.39 -9.53
CA ASN B 191 7.89 -10.47 -10.54
C ASN B 191 6.55 -10.64 -11.25
N GLN B 192 5.63 -9.66 -11.11
CA GLN B 192 4.30 -9.61 -11.71
C GLN B 192 3.35 -10.70 -11.17
N HIS B 193 3.62 -11.20 -9.97
CA HIS B 193 2.74 -12.17 -9.31
C HIS B 193 1.91 -11.42 -8.27
N VAL B 194 0.69 -11.88 -7.98
CA VAL B 194 -0.15 -11.22 -6.97
C VAL B 194 0.54 -11.33 -5.59
N ASN B 195 0.70 -10.19 -4.88
CA ASN B 195 1.34 -10.12 -3.56
C ASN B 195 0.51 -10.96 -2.57
N ASN B 196 1.16 -11.74 -1.70
CA ASN B 196 0.45 -12.57 -0.72
C ASN B 196 -0.45 -11.82 0.25
N VAL B 197 -0.17 -10.52 0.45
CA VAL B 197 -0.94 -9.66 1.33
C VAL B 197 -2.30 -9.34 0.72
N THR B 198 -2.39 -9.26 -0.64
CA THR B 198 -3.65 -9.00 -1.37
C THR B 198 -4.72 -10.07 -1.00
N TYR B 199 -4.28 -11.34 -0.83
CA TYR B 199 -5.19 -12.43 -0.49
C TYR B 199 -5.80 -12.20 0.91
N ILE B 200 -5.01 -11.64 1.85
CA ILE B 200 -5.51 -11.32 3.19
C ILE B 200 -6.60 -10.26 3.07
N GLY B 201 -6.37 -9.24 2.24
CA GLY B 201 -7.37 -8.20 2.01
C GLY B 201 -8.65 -8.75 1.42
N TRP B 202 -8.53 -9.62 0.41
CA TRP B 202 -9.68 -10.26 -0.25
C TRP B 202 -10.48 -11.12 0.73
N VAL B 203 -9.80 -11.87 1.63
CA VAL B 203 -10.49 -12.67 2.66
C VAL B 203 -11.40 -11.78 3.53
N LEU B 204 -10.80 -10.65 4.00
CA LEU B 204 -11.45 -9.69 4.88
C LEU B 204 -12.58 -8.91 4.22
N GLU B 205 -12.60 -8.83 2.87
CA GLU B 205 -13.65 -8.14 2.13
C GLU B 205 -15.05 -8.71 2.38
N SER B 206 -15.15 -10.01 2.69
CA SER B 206 -16.47 -10.60 2.94
C SER B 206 -16.90 -10.54 4.42
N ILE B 207 -16.09 -9.96 5.33
CA ILE B 207 -16.51 -9.79 6.72
C ILE B 207 -17.48 -8.61 6.72
N PRO B 208 -18.65 -8.72 7.35
CA PRO B 208 -19.59 -7.57 7.37
C PRO B 208 -19.01 -6.33 8.05
N GLN B 209 -19.34 -5.14 7.50
CA GLN B 209 -18.85 -3.87 8.01
C GLN B 209 -19.19 -3.63 9.51
N GLU B 210 -20.31 -4.16 9.99
CA GLU B 210 -20.69 -4.04 11.40
C GLU B 210 -19.71 -4.77 12.32
N ILE B 211 -19.16 -5.90 11.87
CA ILE B 211 -18.15 -6.62 12.65
C ILE B 211 -16.88 -5.76 12.69
N VAL B 212 -16.46 -5.25 11.52
CA VAL B 212 -15.28 -4.41 11.41
C VAL B 212 -15.38 -3.16 12.30
N ASP B 213 -16.55 -2.51 12.34
CA ASP B 213 -16.84 -1.33 13.15
C ASP B 213 -16.87 -1.55 14.69
N THR B 214 -17.27 -2.75 15.14
CA THR B 214 -17.40 -3.02 16.59
C THR B 214 -16.36 -3.99 17.17
N HIS B 215 -15.57 -4.63 16.33
CA HIS B 215 -14.58 -5.62 16.74
C HIS B 215 -13.20 -5.31 16.19
N GLU B 216 -12.16 -5.90 16.79
CA GLU B 216 -10.82 -5.81 16.22
C GLU B 216 -10.36 -7.22 15.86
N LEU B 217 -9.65 -7.36 14.75
CA LEU B 217 -9.11 -8.65 14.33
C LEU B 217 -7.97 -9.07 15.27
N GLN B 218 -8.12 -10.24 15.91
CA GLN B 218 -7.11 -10.72 16.83
C GLN B 218 -6.20 -11.80 16.17
N VAL B 219 -6.78 -12.76 15.45
CA VAL B 219 -6.03 -13.85 14.83
C VAL B 219 -6.54 -14.07 13.42
N ILE B 220 -5.62 -14.37 12.48
CA ILE B 220 -5.92 -14.75 11.12
C ILE B 220 -4.97 -15.88 10.73
N THR B 221 -5.50 -16.99 10.24
CA THR B 221 -4.72 -18.13 9.77
C THR B 221 -5.14 -18.31 8.30
N LEU B 222 -4.19 -18.34 7.39
CA LEU B 222 -4.48 -18.46 5.97
C LEU B 222 -3.66 -19.55 5.30
N ASP B 223 -4.34 -20.47 4.57
CA ASP B 223 -3.73 -21.51 3.77
C ASP B 223 -3.71 -21.06 2.32
N TYR B 224 -2.61 -21.28 1.61
CA TYR B 224 -2.42 -20.91 0.21
C TYR B 224 -2.42 -22.21 -0.62
N ARG B 225 -3.43 -22.38 -1.46
CA ARG B 225 -3.58 -23.60 -2.25
C ARG B 225 -3.14 -23.42 -3.69
N ARG B 226 -3.52 -22.28 -4.27
CA ARG B 226 -3.26 -21.98 -5.66
C ARG B 226 -3.07 -20.48 -5.79
N GLU B 227 -2.39 -20.07 -6.83
CA GLU B 227 -2.11 -18.68 -7.12
C GLU B 227 -3.20 -18.04 -8.01
N CYS B 228 -3.57 -16.78 -7.75
CA CYS B 228 -4.52 -16.04 -8.57
C CYS B 228 -3.68 -15.33 -9.65
N GLN B 229 -4.04 -15.52 -10.92
CA GLN B 229 -3.33 -14.88 -12.02
C GLN B 229 -3.79 -13.42 -12.13
N GLN B 230 -3.00 -12.61 -12.85
CA GLN B 230 -3.26 -11.21 -13.14
C GLN B 230 -4.66 -11.03 -13.78
N ASP B 231 -5.09 -12.01 -14.61
CA ASP B 231 -6.37 -11.93 -15.31
C ASP B 231 -7.49 -12.84 -14.71
N ASP B 232 -7.29 -13.33 -13.48
CA ASP B 232 -8.28 -14.13 -12.79
C ASP B 232 -9.25 -13.23 -11.98
N VAL B 233 -10.44 -13.74 -11.65
CA VAL B 233 -11.44 -13.03 -10.84
C VAL B 233 -11.76 -13.93 -9.64
N VAL B 234 -11.86 -13.34 -8.45
CA VAL B 234 -12.04 -14.08 -7.21
C VAL B 234 -13.33 -13.75 -6.47
N ASP B 235 -13.91 -14.77 -5.83
CA ASP B 235 -15.06 -14.63 -4.95
C ASP B 235 -14.57 -14.93 -3.52
N SER B 236 -14.94 -14.06 -2.57
CA SER B 236 -14.55 -14.16 -1.17
C SER B 236 -15.78 -14.60 -0.35
N LEU B 237 -15.70 -15.71 0.37
CA LEU B 237 -16.84 -16.26 1.10
C LEU B 237 -16.52 -16.40 2.60
N THR B 238 -17.50 -16.09 3.48
CA THR B 238 -17.34 -16.12 4.93
C THR B 238 -18.60 -16.67 5.61
N THR B 239 -18.43 -17.53 6.63
CA THR B 239 -19.51 -18.04 7.45
C THR B 239 -19.09 -17.96 8.92
N THR B 240 -19.96 -17.42 9.78
CA THR B 240 -19.66 -17.33 11.22
C THR B 240 -19.66 -18.74 11.80
N THR B 241 -18.61 -19.12 12.52
CA THR B 241 -18.57 -20.45 13.16
C THR B 241 -18.71 -20.39 14.68
N SER B 242 -19.06 -19.23 15.25
CA SER B 242 -19.22 -19.11 16.70
C SER B 242 -20.70 -19.01 17.12
N ASP B 260 -16.35 -13.18 21.72
CA ASP B 260 -15.50 -13.32 20.55
C ASP B 260 -16.30 -13.83 19.33
N SER B 261 -15.92 -13.39 18.12
CA SER B 261 -16.56 -13.86 16.90
C SER B 261 -15.53 -14.61 16.04
N GLN B 262 -15.88 -15.78 15.54
CA GLN B 262 -14.99 -16.54 14.68
C GLN B 262 -15.64 -16.77 13.32
N PHE B 263 -14.85 -16.77 12.26
CA PHE B 263 -15.35 -16.97 10.90
C PHE B 263 -14.49 -17.98 10.18
N LEU B 264 -15.11 -18.73 9.26
CA LEU B 264 -14.46 -19.64 8.33
C LEU B 264 -14.46 -18.92 6.97
N HIS B 265 -13.35 -18.98 6.23
CA HIS B 265 -13.23 -18.24 4.98
C HIS B 265 -12.82 -19.11 3.80
N LEU B 266 -13.25 -18.72 2.58
CA LEU B 266 -12.86 -19.38 1.35
C LEU B 266 -12.73 -18.37 0.18
N LEU B 267 -11.59 -18.38 -0.53
CA LEU B 267 -11.40 -17.61 -1.77
C LEU B 267 -11.39 -18.66 -2.87
N ARG B 268 -12.17 -18.43 -3.92
CA ARG B 268 -12.22 -19.33 -5.06
C ARG B 268 -12.40 -18.54 -6.34
N LEU B 269 -11.95 -19.08 -7.47
CA LEU B 269 -12.09 -18.39 -8.76
C LEU B 269 -13.56 -18.23 -9.10
N SER B 270 -13.99 -17.03 -9.57
CA SER B 270 -15.39 -16.70 -9.87
C SER B 270 -16.06 -17.62 -10.86
N GLY B 271 -15.30 -18.12 -11.81
CA GLY B 271 -15.85 -19.01 -12.82
C GLY B 271 -16.11 -20.41 -12.31
N ASP B 272 -15.10 -21.29 -12.48
CA ASP B 272 -15.25 -22.70 -12.12
C ASP B 272 -15.26 -23.00 -10.61
N GLY B 273 -14.98 -22.03 -9.75
CA GLY B 273 -15.00 -22.27 -8.32
C GLY B 273 -13.78 -23.01 -7.77
N GLN B 274 -12.66 -22.95 -8.50
CA GLN B 274 -11.39 -23.54 -8.07
C GLN B 274 -10.88 -22.81 -6.79
N GLU B 275 -10.61 -23.56 -5.71
CA GLU B 275 -10.10 -23.00 -4.46
C GLU B 275 -8.72 -22.33 -4.62
N ILE B 276 -8.55 -21.11 -4.08
CA ILE B 276 -7.25 -20.48 -4.10
C ILE B 276 -6.71 -20.40 -2.64
N ASN B 277 -7.60 -20.09 -1.66
CA ASN B 277 -7.23 -20.04 -0.24
C ASN B 277 -8.41 -20.45 0.64
N ARG B 278 -8.08 -20.87 1.84
CA ARG B 278 -9.01 -21.10 2.93
C ARG B 278 -8.37 -20.52 4.21
N GLY B 279 -9.20 -20.00 5.11
CA GLY B 279 -8.68 -19.42 6.34
C GLY B 279 -9.71 -19.31 7.44
N THR B 280 -9.28 -18.82 8.60
CA THR B 280 -10.11 -18.56 9.78
C THR B 280 -9.68 -17.22 10.41
N THR B 281 -10.63 -16.49 10.95
CA THR B 281 -10.34 -15.25 11.69
C THR B 281 -11.04 -15.26 13.06
N LEU B 282 -10.42 -14.61 14.04
CA LEU B 282 -10.98 -14.49 15.39
C LEU B 282 -11.00 -12.98 15.70
N TRP B 283 -12.15 -12.47 16.13
CA TRP B 283 -12.31 -11.04 16.39
C TRP B 283 -12.78 -10.83 17.83
N ARG B 284 -12.18 -9.83 18.53
CA ARG B 284 -12.53 -9.47 19.89
C ARG B 284 -13.39 -8.20 19.88
N LYS B 285 -14.41 -8.10 20.76
CA LYS B 285 -15.21 -6.89 20.85
C LYS B 285 -14.33 -5.74 21.37
N LYS B 286 -14.43 -4.55 20.77
CA LYS B 286 -13.66 -3.37 21.17
C LYS B 286 -14.01 -2.93 22.58
N1 GVV C . -1.94 15.79 3.05
C4 GVV C . -2.04 15.19 1.78
C5 GVV C . -2.91 14.17 1.48
C6 GVV C . -2.93 13.63 0.19
C7 GVV C . -2.04 14.05 -0.77
C8 GVV C . -1.13 15.05 -0.45
C10 GVV C . -2.03 13.43 -2.15
C1 GVV C . -2.52 16.78 5.80
C2 GVV C . -1.64 17.42 4.80
C3 GVV C . -2.00 17.10 3.37
O1 GVV C . -2.34 17.96 2.56
C9 GVV C . -1.11 15.61 0.82
O2 GVV C . -0.24 16.60 1.15
S SO4 D . -2.87 21.83 1.88
O1 SO4 D . -2.41 22.63 0.73
O2 SO4 D . -2.52 22.50 3.14
O3 SO4 D . -4.33 21.63 1.76
O4 SO4 D . -2.22 20.51 1.82
N1 GVV E . 10.17 -12.61 2.11
C4 GVV E . 8.78 -12.66 2.35
C5 GVV E . 7.84 -12.50 1.34
C6 GVV E . 6.49 -12.56 1.66
C7 GVV E . 6.06 -12.73 2.97
C8 GVV E . 7.01 -12.86 3.97
C10 GVV E . 4.59 -12.78 3.30
C1 GVV E . 12.76 -12.82 0.62
C2 GVV E . 12.51 -13.17 2.05
C3 GVV E . 11.09 -13.57 2.34
O1 GVV E . 10.79 -14.69 2.74
C9 GVV E . 8.36 -12.80 3.68
O2 GVV E . 9.30 -12.92 4.64
S SO4 F . 12.17 -18.36 4.08
O1 SO4 F . 11.67 -18.94 2.84
O2 SO4 F . 11.75 -16.96 4.21
O3 SO4 F . 11.56 -19.10 5.21
O4 SO4 F . 13.64 -18.44 4.15
#